data_6EWM
#
_entry.id   6EWM
#
_cell.length_a   59.334
_cell.length_b   42.947
_cell.length_c   95.075
_cell.angle_alpha   90.00
_cell.angle_beta   107.87
_cell.angle_gamma   90.00
#
_symmetry.space_group_name_H-M   'P 1 21 1'
#
loop_
_entity.id
_entity.type
_entity.pdbx_description
1 polymer 'Haemophore HmuY'
2 non-polymer 'SULFATE ION'
3 non-polymer '2-(N-MORPHOLINO)-ETHANESULFONIC ACID'
4 non-polymer GLYCEROL
5 water water
#
_entity_poly.entity_id   1
_entity_poly.type   'polypeptide(L)'
_entity_poly.pdbx_seq_one_letter_code
;DEPNQPSTPEAVTKTVTIDASKYETWQYFSFSKGEVVNVTDYKNDLNWDMALHRYDVRLNCGESGKGKGGAVFSGKTEMD
QATTVPTDGYTVDVLGRITVKYEMGPDGHQMEYEEQGFSEVITGKKNAQGFASGGWLEFSHGPAGPTYKLSKRVFFVRGA
DGNIAKVQFTDYQDAELKKGVITFTYTYPVK
;
_entity_poly.pdbx_strand_id   A,F
#
# COMPACT_ATOMS: atom_id res chain seq x y z
N PRO A 9 41.16 -1.98 9.37
CA PRO A 9 40.44 -1.08 8.42
C PRO A 9 39.62 -0.08 9.21
N GLU A 10 39.76 1.20 8.89
CA GLU A 10 38.97 2.22 9.54
C GLU A 10 37.62 2.40 8.84
N ALA A 11 36.67 2.89 9.60
CA ALA A 11 35.31 3.06 9.13
C ALA A 11 35.28 4.17 8.08
N VAL A 12 34.85 3.83 6.88
CA VAL A 12 34.71 4.74 5.73
C VAL A 12 33.25 4.95 5.46
N THR A 13 32.85 6.19 5.19
CA THR A 13 31.47 6.51 4.88
C THR A 13 31.32 6.92 3.43
N LYS A 14 30.31 6.36 2.75
CA LYS A 14 30.01 6.70 1.37
CA LYS A 14 30.00 6.66 1.35
C LYS A 14 28.51 6.79 1.19
N THR A 15 28.10 7.77 0.40
CA THR A 15 26.73 7.87 -0.08
C THR A 15 26.68 7.33 -1.51
N VAL A 16 25.71 6.42 -1.76
CA VAL A 16 25.63 5.65 -2.98
C VAL A 16 24.25 5.74 -3.55
N THR A 17 24.17 5.88 -4.88
CA THR A 17 22.87 5.75 -5.59
C THR A 17 23.00 4.64 -6.60
N ILE A 18 22.03 3.73 -6.60
CA ILE A 18 22.00 2.58 -7.49
C ILE A 18 20.63 2.54 -8.16
N ASP A 19 20.66 2.39 -9.48
CA ASP A 19 19.43 2.19 -10.25
C ASP A 19 19.01 0.74 -10.20
N ALA A 20 18.05 0.46 -9.30
CA ALA A 20 17.45 -0.87 -9.13
C ALA A 20 16.01 -0.87 -9.69
N SER A 21 15.79 -0.08 -10.75
CA SER A 21 14.46 0.04 -11.32
C SER A 21 14.04 -1.18 -12.15
N LYS A 22 14.98 -1.95 -12.66
CA LYS A 22 14.61 -3.15 -13.45
C LYS A 22 14.01 -4.22 -12.56
N TYR A 23 12.95 -4.86 -13.04
CA TYR A 23 12.35 -5.94 -12.26
C TYR A 23 13.08 -7.27 -12.38
N GLU A 24 13.72 -7.53 -13.52
CA GLU A 24 14.25 -8.86 -13.83
C GLU A 24 15.54 -9.25 -13.09
N THR A 25 16.26 -8.27 -12.57
CA THR A 25 17.58 -8.48 -11.99
C THR A 25 17.72 -7.77 -10.67
N TRP A 26 18.81 -8.13 -9.98
CA TRP A 26 19.26 -7.44 -8.75
C TRP A 26 20.57 -6.73 -9.05
N GLN A 27 20.79 -5.63 -8.33
CA GLN A 27 22.08 -4.92 -8.33
C GLN A 27 22.86 -5.33 -7.12
N TYR A 28 23.99 -5.98 -7.36
CA TYR A 28 24.84 -6.48 -6.26
C TYR A 28 25.93 -5.51 -5.90
N PHE A 29 26.17 -5.34 -4.59
CA PHE A 29 27.06 -4.28 -4.10
C PHE A 29 28.04 -4.84 -3.11
N SER A 30 29.29 -4.35 -3.21
CA SER A 30 30.36 -4.70 -2.28
C SER A 30 30.67 -3.56 -1.35
N PHE A 31 30.57 -3.81 -0.05
CA PHE A 31 30.89 -2.82 0.93
C PHE A 31 32.35 -2.35 0.86
N SER A 32 33.27 -3.30 0.82
CA SER A 32 34.69 -2.97 0.83
C SER A 32 35.12 -2.26 -0.43
N LYS A 33 34.58 -2.65 -1.57
CA LYS A 33 34.96 -2.03 -2.83
CA LYS A 33 34.96 -2.03 -2.84
C LYS A 33 34.21 -0.74 -3.08
N GLY A 34 33.04 -0.57 -2.43
CA GLY A 34 32.22 0.63 -2.65
C GLY A 34 31.63 0.74 -4.02
N GLU A 35 31.34 -0.41 -4.62
CA GLU A 35 30.92 -0.47 -6.01
C GLU A 35 29.98 -1.63 -6.22
N VAL A 36 29.18 -1.49 -7.26
CA VAL A 36 28.41 -2.57 -7.84
C VAL A 36 29.36 -3.60 -8.45
N VAL A 37 29.07 -4.88 -8.19
CA VAL A 37 29.85 -6.00 -8.69
C VAL A 37 28.95 -6.93 -9.51
N ASN A 38 29.56 -7.60 -10.48
CA ASN A 38 28.80 -8.47 -11.36
C ASN A 38 28.72 -9.89 -10.79
N VAL A 39 27.49 -10.41 -10.71
CA VAL A 39 27.18 -11.65 -10.01
C VAL A 39 26.23 -12.48 -10.87
N THR A 40 26.52 -13.79 -10.97
CA THR A 40 25.59 -14.75 -11.59
C THR A 40 25.11 -15.74 -10.52
N ASP A 41 26.01 -16.57 -10.04
CA ASP A 41 25.65 -17.57 -9.00
C ASP A 41 25.72 -16.93 -7.62
N TYR A 42 24.71 -16.11 -7.32
CA TYR A 42 24.71 -15.32 -6.11
C TYR A 42 24.73 -16.12 -4.84
N LYS A 43 24.19 -17.33 -4.88
CA LYS A 43 24.17 -18.20 -3.69
C LYS A 43 25.50 -18.85 -3.39
N ASN A 44 26.46 -18.69 -4.29
CA ASN A 44 27.81 -19.27 -4.16
C ASN A 44 28.89 -18.24 -4.56
N ASP A 45 28.76 -17.03 -4.07
CA ASP A 45 29.66 -15.93 -4.42
C ASP A 45 29.79 -15.01 -3.20
N LEU A 46 31.00 -14.98 -2.62
CA LEU A 46 31.27 -14.11 -1.46
C LEU A 46 31.66 -12.69 -1.82
N ASN A 47 31.62 -12.32 -3.11
CA ASN A 47 32.08 -11.00 -3.53
C ASN A 47 31.05 -9.87 -3.42
N TRP A 48 29.82 -10.22 -3.02
CA TRP A 48 28.80 -9.24 -2.78
C TRP A 48 28.30 -9.27 -1.35
N ASP A 49 27.90 -8.10 -0.87
CA ASP A 49 27.38 -7.95 0.51
C ASP A 49 25.93 -7.60 0.61
N MET A 50 25.42 -6.84 -0.37
CA MET A 50 24.05 -6.36 -0.31
C MET A 50 23.56 -6.21 -1.73
N ALA A 51 22.32 -6.60 -1.98
CA ALA A 51 21.76 -6.49 -3.32
C ALA A 51 20.41 -5.78 -3.24
N LEU A 52 20.13 -5.01 -4.28
CA LEU A 52 18.94 -4.20 -4.39
C LEU A 52 18.13 -4.61 -5.62
N HIS A 53 16.82 -4.61 -5.43
CA HIS A 53 15.86 -4.87 -6.54
C HIS A 53 14.61 -4.10 -6.22
N ARG A 54 14.23 -3.10 -7.01
CA ARG A 54 13.06 -2.27 -6.66
C ARG A 54 13.26 -1.80 -5.21
N TYR A 55 12.33 -2.07 -4.29
CA TYR A 55 12.50 -1.70 -2.88
C TYR A 55 12.93 -2.84 -1.99
N ASP A 56 13.34 -3.93 -2.61
CA ASP A 56 13.82 -5.12 -1.92
C ASP A 56 15.30 -5.04 -1.67
N VAL A 57 15.73 -5.63 -0.55
CA VAL A 57 17.15 -5.72 -0.16
C VAL A 57 17.46 -7.17 0.24
N ARG A 58 18.57 -7.68 -0.29
CA ARG A 58 19.05 -9.05 -0.09
C ARG A 58 20.47 -9.00 0.50
N LEU A 59 20.77 -9.93 1.40
CA LEU A 59 22.08 -10.06 2.03
C LEU A 59 22.65 -11.46 1.83
N ASN A 60 23.96 -11.60 2.03
CA ASN A 60 24.66 -12.80 1.63
C ASN A 60 24.66 -13.77 2.81
N CYS A 61 23.54 -14.46 2.95
CA CYS A 61 23.21 -15.25 4.12
C CYS A 61 21.87 -15.94 3.90
N GLY A 62 21.55 -16.87 4.77
CA GLY A 62 20.22 -17.49 4.76
C GLY A 62 19.85 -18.04 3.41
N GLU A 63 18.63 -17.71 3.01
CA GLU A 63 18.08 -18.16 1.74
C GLU A 63 18.68 -17.48 0.51
N SER A 64 19.48 -16.45 0.72
CA SER A 64 20.08 -15.68 -0.36
C SER A 64 21.55 -15.99 -0.65
N GLY A 65 22.26 -16.68 0.23
CA GLY A 65 23.71 -16.82 0.02
C GLY A 65 24.40 -17.61 1.10
N LYS A 66 25.63 -18.03 0.81
CA LYS A 66 26.38 -18.86 1.74
C LYS A 66 27.26 -18.07 2.70
N GLY A 67 27.21 -16.73 2.61
CA GLY A 67 28.03 -15.88 3.41
C GLY A 67 27.62 -15.79 4.88
N LYS A 68 28.29 -14.92 5.59
CA LYS A 68 28.15 -14.65 7.01
C LYS A 68 27.27 -13.42 7.28
N GLY A 69 26.43 -13.08 6.33
CA GLY A 69 25.69 -11.84 6.43
C GLY A 69 24.48 -11.90 7.37
N GLY A 70 23.83 -10.75 7.47
CA GLY A 70 22.57 -10.63 8.18
C GLY A 70 22.35 -9.22 8.63
N ALA A 71 21.26 -8.93 9.33
CA ALA A 71 20.95 -7.56 9.68
C ALA A 71 20.22 -7.43 10.96
N VAL A 72 20.44 -6.29 11.61
CA VAL A 72 19.65 -5.85 12.76
C VAL A 72 19.21 -4.39 12.58
N PHE A 73 18.13 -4.06 13.26
CA PHE A 73 17.68 -2.68 13.39
C PHE A 73 18.24 -2.13 14.68
N SER A 74 18.89 -0.96 14.61
CA SER A 74 19.53 -0.31 15.75
C SER A 74 18.56 0.39 16.69
N GLY A 75 17.34 0.62 16.23
CA GLY A 75 16.40 1.43 16.97
C GLY A 75 16.52 2.92 16.71
N LYS A 76 17.52 3.34 15.92
CA LYS A 76 17.76 4.76 15.65
C LYS A 76 17.25 5.13 14.27
N THR A 77 16.96 6.42 14.10
CA THR A 77 16.66 6.99 12.79
C THR A 77 17.68 8.04 12.36
N GLU A 78 18.77 8.18 13.13
CA GLU A 78 19.88 9.09 12.78
C GLU A 78 21.15 8.28 12.85
N MET A 79 21.93 8.25 11.79
CA MET A 79 23.17 7.47 11.78
C MET A 79 24.09 7.84 12.92
N ASP A 80 24.16 9.13 13.22
CA ASP A 80 25.06 9.63 14.27
C ASP A 80 24.64 9.25 15.71
N GLN A 81 23.45 8.65 15.87
N GLN A 81 23.46 8.65 15.88
CA GLN A 81 23.00 8.09 17.15
CA GLN A 81 23.04 8.11 17.18
C GLN A 81 23.29 6.61 17.33
C GLN A 81 23.31 6.61 17.33
N ALA A 82 23.61 5.91 16.24
CA ALA A 82 23.82 4.45 16.27
C ALA A 82 25.30 4.20 16.47
N THR A 83 25.72 4.32 17.73
CA THR A 83 27.15 4.28 18.05
C THR A 83 27.61 3.01 18.75
N THR A 84 26.71 2.14 19.17
CA THR A 84 27.06 0.87 19.79
CA THR A 84 27.10 0.87 19.76
C THR A 84 26.65 -0.21 18.80
N VAL A 85 27.61 -1.01 18.36
CA VAL A 85 27.39 -2.00 17.33
C VAL A 85 27.13 -3.38 17.96
N PRO A 86 25.98 -3.99 17.69
CA PRO A 86 25.77 -5.34 18.27
C PRO A 86 26.73 -6.35 17.73
N THR A 87 27.05 -7.33 18.56
CA THR A 87 28.03 -8.36 18.19
C THR A 87 27.38 -9.69 17.79
N ASP A 88 26.05 -9.77 17.89
CA ASP A 88 25.34 -11.03 17.74
C ASP A 88 23.92 -10.78 17.26
N GLY A 89 23.28 -11.83 16.72
CA GLY A 89 21.84 -11.75 16.39
C GLY A 89 21.46 -11.16 15.04
N TYR A 90 22.34 -11.30 14.06
CA TYR A 90 22.13 -10.73 12.75
C TYR A 90 21.25 -11.66 11.91
N THR A 91 19.99 -11.31 11.91
CA THR A 91 18.95 -12.09 11.23
C THR A 91 19.26 -12.31 9.77
N VAL A 92 19.03 -13.54 9.31
CA VAL A 92 19.37 -13.91 7.96
C VAL A 92 18.19 -13.91 7.02
N ASP A 93 18.50 -13.92 5.72
CA ASP A 93 17.46 -13.78 4.69
C ASP A 93 16.51 -14.98 4.67
N VAL A 94 15.27 -14.70 4.34
CA VAL A 94 14.21 -15.71 4.24
C VAL A 94 13.59 -15.62 2.86
N LEU A 95 12.72 -16.56 2.52
CA LEU A 95 12.06 -16.52 1.23
C LEU A 95 10.85 -15.60 1.27
N GLY A 96 10.62 -14.86 0.19
CA GLY A 96 9.41 -14.07 0.00
C GLY A 96 9.19 -13.72 -1.46
N ARG A 97 8.11 -13.02 -1.73
CA ARG A 97 7.69 -12.75 -3.07
C ARG A 97 8.46 -11.56 -3.64
N ILE A 98 9.10 -11.81 -4.79
CA ILE A 98 9.82 -10.77 -5.55
C ILE A 98 9.14 -10.61 -6.92
N THR A 99 8.87 -9.37 -7.30
CA THR A 99 8.31 -9.08 -8.61
C THR A 99 9.43 -9.05 -9.64
N VAL A 100 9.37 -10.00 -10.58
CA VAL A 100 10.44 -10.18 -11.57
C VAL A 100 10.08 -9.72 -12.99
N LYS A 101 8.83 -9.32 -13.24
CA LYS A 101 8.46 -8.74 -14.52
C LYS A 101 7.28 -7.89 -14.31
N TYR A 102 7.25 -6.77 -15.03
CA TYR A 102 6.09 -5.91 -15.06
C TYR A 102 5.98 -5.48 -16.51
N GLU A 103 4.83 -5.71 -17.10
CA GLU A 103 4.56 -5.33 -18.51
C GLU A 103 3.26 -4.56 -18.54
N MET A 104 3.34 -3.32 -19.02
CA MET A 104 2.23 -2.43 -19.15
C MET A 104 1.59 -2.68 -20.51
N GLY A 105 0.26 -2.63 -20.49
CA GLY A 105 -0.49 -2.54 -21.73
C GLY A 105 -1.39 -1.29 -21.68
N PRO A 106 -2.03 -0.93 -22.80
CA PRO A 106 -2.77 0.34 -22.82
C PRO A 106 -3.77 0.57 -21.66
N ASP A 107 -4.38 -0.50 -21.16
CA ASP A 107 -5.47 -0.43 -20.17
C ASP A 107 -5.32 -1.51 -19.10
N GLY A 108 -4.09 -1.86 -18.80
CA GLY A 108 -3.82 -2.82 -17.75
C GLY A 108 -2.38 -3.21 -17.75
N HIS A 109 -2.06 -4.19 -16.93
CA HIS A 109 -0.67 -4.73 -16.91
C HIS A 109 -0.65 -6.17 -16.45
N GLN A 110 0.53 -6.76 -16.57
CA GLN A 110 0.83 -8.10 -16.08
C GLN A 110 2.08 -8.03 -15.25
N MET A 111 2.06 -8.74 -14.12
CA MET A 111 3.23 -8.92 -13.27
C MET A 111 3.52 -10.37 -13.10
N GLU A 112 4.80 -10.70 -12.96
CA GLU A 112 5.22 -12.03 -12.58
CA GLU A 112 5.28 -12.05 -12.62
C GLU A 112 6.04 -11.96 -11.30
N TYR A 113 5.88 -12.99 -10.48
CA TYR A 113 6.55 -13.12 -9.22
C TYR A 113 7.39 -14.37 -9.15
N GLU A 114 8.42 -14.34 -8.31
CA GLU A 114 9.15 -15.55 -7.90
C GLU A 114 9.39 -15.47 -6.40
N GLU A 115 9.47 -16.63 -5.74
CA GLU A 115 9.88 -16.71 -4.35
CA GLU A 115 9.87 -16.75 -4.36
C GLU A 115 11.40 -16.77 -4.33
N GLN A 116 12.01 -15.78 -3.66
CA GLN A 116 13.46 -15.68 -3.59
C GLN A 116 13.84 -15.20 -2.20
N GLY A 117 15.12 -15.33 -1.88
CA GLY A 117 15.66 -14.83 -0.63
C GLY A 117 15.73 -13.32 -0.57
N PHE A 118 15.44 -12.77 0.60
CA PHE A 118 15.59 -11.33 0.84
C PHE A 118 15.66 -11.09 2.34
N SER A 119 16.08 -9.88 2.70
CA SER A 119 16.18 -9.51 4.08
C SER A 119 14.91 -8.82 4.54
N GLU A 120 14.13 -9.49 5.37
CA GLU A 120 12.94 -8.86 5.94
C GLU A 120 13.30 -7.73 6.89
N VAL A 121 14.49 -7.82 7.52
CA VAL A 121 14.87 -6.78 8.48
C VAL A 121 14.94 -5.43 7.74
N ILE A 122 15.62 -5.43 6.59
CA ILE A 122 15.81 -4.19 5.83
C ILE A 122 14.65 -3.89 4.91
N THR A 123 14.13 -4.91 4.22
CA THR A 123 13.05 -4.70 3.24
C THR A 123 11.74 -4.36 3.95
N GLY A 124 11.57 -4.99 5.10
CA GLY A 124 10.29 -5.14 5.78
C GLY A 124 9.66 -6.49 5.49
N LYS A 125 8.74 -6.90 6.35
CA LYS A 125 7.96 -8.15 6.17
C LYS A 125 6.84 -7.85 5.20
N LYS A 126 6.64 -8.73 4.21
CA LYS A 126 5.65 -8.58 3.19
C LYS A 126 4.32 -9.26 3.51
N ASN A 127 3.22 -8.57 3.19
CA ASN A 127 1.89 -9.20 3.27
C ASN A 127 1.59 -9.95 1.98
N ALA A 128 0.38 -10.49 1.88
CA ALA A 128 0.02 -11.31 0.73
C ALA A 128 -0.12 -10.54 -0.55
N GLN A 129 -0.19 -9.20 -0.49
CA GLN A 129 -0.18 -8.37 -1.69
C GLN A 129 1.20 -7.78 -1.99
N GLY A 130 2.21 -8.22 -1.24
CA GLY A 130 3.59 -7.85 -1.50
C GLY A 130 4.06 -6.53 -0.87
N PHE A 131 3.21 -5.85 -0.11
CA PHE A 131 3.57 -4.61 0.54
C PHE A 131 4.41 -4.97 1.76
N ALA A 132 5.52 -4.23 1.98
CA ALA A 132 6.39 -4.48 3.10
C ALA A 132 6.19 -3.49 4.25
N SER A 133 6.49 -3.95 5.46
CA SER A 133 6.41 -3.13 6.66
C SER A 133 7.53 -3.39 7.61
N GLY A 134 8.09 -2.33 8.17
CA GLY A 134 9.08 -2.46 9.24
C GLY A 134 10.51 -2.24 8.83
N GLY A 135 10.75 -2.04 7.53
CA GLY A 135 12.08 -1.87 6.98
C GLY A 135 12.35 -0.41 6.62
N TRP A 136 12.97 -0.23 5.48
CA TRP A 136 13.46 1.10 5.10
C TRP A 136 12.42 2.01 4.45
N LEU A 137 11.32 1.43 3.95
CA LEU A 137 10.36 2.13 3.11
C LEU A 137 8.97 1.57 3.40
N GLU A 138 7.98 2.43 3.57
CA GLU A 138 6.60 1.93 3.89
C GLU A 138 5.56 2.68 3.10
N PHE A 139 4.63 1.91 2.48
CA PHE A 139 3.56 2.47 1.62
C PHE A 139 2.46 2.89 2.59
N SER A 140 2.13 4.17 2.60
N SER A 140 2.25 4.19 2.78
CA SER A 140 1.53 4.79 3.77
CA SER A 140 1.40 4.64 3.88
C SER A 140 0.49 5.84 3.44
C SER A 140 0.48 5.78 3.46
N HIS A 141 -0.44 6.06 4.37
CA HIS A 141 -1.49 7.07 4.18
C HIS A 141 -0.91 8.46 3.89
N GLY A 142 -1.69 9.23 3.12
CA GLY A 142 -1.52 10.67 3.03
C GLY A 142 -2.74 11.36 2.41
N PRO A 143 -2.91 12.68 2.65
CA PRO A 143 -4.10 13.37 2.11
C PRO A 143 -4.12 13.55 0.57
N ALA A 144 -2.99 13.40 -0.14
CA ALA A 144 -3.05 13.40 -1.62
C ALA A 144 -3.06 12.00 -2.26
N GLY A 145 -3.32 10.97 -1.46
CA GLY A 145 -3.22 9.58 -1.91
C GLY A 145 -2.06 8.94 -1.16
N PRO A 146 -2.01 7.61 -1.13
CA PRO A 146 -0.92 6.91 -0.41
C PRO A 146 0.37 6.98 -1.17
N THR A 147 1.46 7.00 -0.42
CA THR A 147 2.80 7.18 -0.99
C THR A 147 3.79 6.37 -0.22
N TYR A 148 4.92 6.05 -0.83
CA TYR A 148 6.03 5.45 -0.10
C TYR A 148 6.70 6.55 0.73
N LYS A 149 7.02 6.22 1.98
CA LYS A 149 7.74 7.13 2.85
C LYS A 149 8.99 6.44 3.47
N LEU A 150 10.06 7.22 3.57
CA LEU A 150 11.29 6.72 4.15
C LEU A 150 11.17 6.60 5.66
N SER A 151 11.48 5.41 6.20
CA SER A 151 11.42 5.24 7.64
C SER A 151 12.63 5.86 8.35
N LYS A 152 13.73 6.00 7.62
CA LYS A 152 15.01 6.41 8.16
C LYS A 152 15.62 5.46 9.17
N ARG A 153 15.11 4.23 9.22
CA ARG A 153 15.66 3.27 10.18
C ARG A 153 17.14 2.98 9.86
N VAL A 154 17.95 2.95 10.90
CA VAL A 154 19.40 2.70 10.76
C VAL A 154 19.68 1.23 11.10
N PHE A 155 20.29 0.51 10.18
CA PHE A 155 20.57 -0.89 10.30
C PHE A 155 22.03 -1.11 10.50
N PHE A 156 22.35 -2.22 11.17
CA PHE A 156 23.71 -2.76 11.11
C PHE A 156 23.63 -4.01 10.29
N VAL A 157 24.56 -4.19 9.37
CA VAL A 157 24.47 -5.19 8.33
C VAL A 157 25.77 -5.93 8.20
N ARG A 158 25.82 -7.22 8.47
CA ARG A 158 27.01 -8.00 8.18
C ARG A 158 27.11 -8.30 6.69
N GLY A 159 28.31 -8.07 6.14
CA GLY A 159 28.63 -8.46 4.78
C GLY A 159 28.94 -9.95 4.71
N ALA A 160 29.35 -10.38 3.53
CA ALA A 160 29.60 -11.79 3.27
C ALA A 160 30.68 -12.39 4.15
N ASP A 161 31.68 -11.58 4.54
CA ASP A 161 32.78 -11.99 5.40
C ASP A 161 32.51 -11.70 6.88
N GLY A 162 31.30 -11.21 7.20
CA GLY A 162 30.90 -10.92 8.56
C GLY A 162 31.17 -9.50 9.03
N ASN A 163 32.03 -8.72 8.37
CA ASN A 163 32.30 -7.35 8.79
C ASN A 163 31.05 -6.51 8.62
N ILE A 164 30.83 -5.60 9.55
CA ILE A 164 29.55 -4.88 9.69
C ILE A 164 29.60 -3.47 9.06
N ALA A 165 28.54 -3.15 8.34
CA ALA A 165 28.25 -1.78 7.89
C ALA A 165 27.07 -1.20 8.67
N LYS A 166 27.12 0.10 8.95
CA LYS A 166 25.98 0.87 9.40
C LYS A 166 25.31 1.43 8.15
N VAL A 167 24.01 1.19 7.94
CA VAL A 167 23.34 1.54 6.72
C VAL A 167 22.04 2.26 6.95
N GLN A 168 21.84 3.35 6.22
CA GLN A 168 20.55 4.05 6.21
C GLN A 168 20.16 4.40 4.79
N PHE A 169 18.94 4.01 4.38
CA PHE A 169 18.41 4.33 3.06
C PHE A 169 17.68 5.65 3.13
N THR A 170 17.94 6.51 2.16
CA THR A 170 17.41 7.87 2.22
C THR A 170 16.63 8.33 1.00
N ASP A 171 16.60 7.54 -0.07
CA ASP A 171 15.67 7.85 -1.16
C ASP A 171 15.37 6.61 -1.96
N TYR A 172 14.21 6.64 -2.61
CA TYR A 172 13.67 5.53 -3.41
C TYR A 172 13.41 5.86 -4.87
N GLN A 173 13.60 7.12 -5.24
CA GLN A 173 13.34 7.57 -6.60
C GLN A 173 14.33 8.68 -6.92
N ASP A 174 14.55 8.90 -8.20
CA ASP A 174 15.49 9.95 -8.62
C ASP A 174 14.74 11.29 -8.70
N ALA A 175 15.42 12.35 -9.11
CA ALA A 175 14.79 13.71 -9.13
C ALA A 175 13.62 13.86 -10.11
N GLU A 176 13.59 12.99 -11.13
CA GLU A 176 12.50 12.94 -12.11
C GLU A 176 11.37 11.99 -11.68
N LEU A 177 11.48 11.49 -10.45
CA LEU A 177 10.51 10.58 -9.86
C LEU A 177 10.52 9.20 -10.49
N LYS A 178 11.64 8.81 -11.10
CA LYS A 178 11.83 7.46 -11.58
C LYS A 178 12.01 6.55 -10.34
N LYS A 179 11.09 5.59 -10.21
CA LYS A 179 11.01 4.74 -9.05
C LYS A 179 12.06 3.63 -9.07
N GLY A 180 12.56 3.28 -7.89
CA GLY A 180 13.54 2.18 -7.79
C GLY A 180 14.97 2.61 -7.96
N VAL A 181 15.22 3.94 -7.95
CA VAL A 181 16.57 4.48 -7.93
C VAL A 181 16.85 4.78 -6.45
N ILE A 182 17.74 3.97 -5.87
CA ILE A 182 17.90 3.86 -4.42
C ILE A 182 19.15 4.60 -3.97
N THR A 183 18.98 5.45 -2.95
CA THR A 183 20.11 6.14 -2.34
C THR A 183 20.24 5.66 -0.90
N PHE A 184 21.45 5.33 -0.52
CA PHE A 184 21.78 5.01 0.86
C PHE A 184 23.15 5.53 1.23
N THR A 185 23.37 5.67 2.53
CA THR A 185 24.71 5.97 3.04
C THR A 185 25.10 4.79 3.92
N TYR A 186 26.38 4.43 3.84
CA TYR A 186 26.86 3.37 4.74
C TYR A 186 28.23 3.73 5.27
N THR A 187 28.49 3.23 6.47
CA THR A 187 29.79 3.40 7.13
C THR A 187 30.31 1.98 7.42
N TYR A 188 31.53 1.68 7.01
CA TYR A 188 32.02 0.31 7.01
C TYR A 188 33.54 0.27 7.02
N PRO A 189 34.16 -0.67 7.72
CA PRO A 189 33.54 -1.56 8.71
C PRO A 189 33.42 -0.89 10.05
N VAL A 190 32.40 -1.25 10.82
CA VAL A 190 32.19 -0.72 12.16
C VAL A 190 32.16 -1.86 13.17
N LYS A 191 32.55 -1.54 14.40
CA LYS A 191 32.53 -2.44 15.54
C LYS A 191 32.38 -1.59 16.81
N PRO B 9 -40.22 11.53 7.48
CA PRO B 9 -39.55 10.20 7.65
C PRO B 9 -38.57 10.29 8.78
N GLU B 10 -38.64 9.33 9.70
CA GLU B 10 -37.72 9.28 10.82
C GLU B 10 -36.44 8.52 10.45
N ALA B 11 -35.37 8.83 11.18
CA ALA B 11 -34.08 8.24 10.89
C ALA B 11 -34.10 6.75 11.32
N VAL B 12 -33.82 5.89 10.36
CA VAL B 12 -33.75 4.43 10.52
C VAL B 12 -32.28 4.04 10.43
N THR B 13 -31.88 3.12 11.30
CA THR B 13 -30.48 2.61 11.27
C THR B 13 -30.47 1.14 10.86
N LYS B 14 -29.58 0.79 9.94
CA LYS B 14 -29.42 -0.58 9.49
C LYS B 14 -27.96 -0.88 9.32
N THR B 15 -27.57 -2.10 9.68
CA THR B 15 -26.27 -2.66 9.36
C THR B 15 -26.43 -3.60 8.16
N VAL B 16 -25.55 -3.42 7.16
CA VAL B 16 -25.65 -4.08 5.85
C VAL B 16 -24.30 -4.67 5.47
N THR B 17 -24.33 -5.90 4.93
CA THR B 17 -23.16 -6.48 4.30
C THR B 17 -23.44 -6.78 2.86
N ILE B 18 -22.52 -6.35 1.96
CA ILE B 18 -22.67 -6.55 0.54
C ILE B 18 -21.41 -7.19 -0.03
N ASP B 19 -21.58 -8.26 -0.83
CA ASP B 19 -20.45 -8.88 -1.49
C ASP B 19 -20.09 -8.10 -2.74
N ALA B 20 -19.06 -7.27 -2.63
CA ALA B 20 -18.51 -6.50 -3.73
C ALA B 20 -17.15 -7.07 -4.20
N SER B 21 -16.97 -8.38 -4.05
CA SER B 21 -15.72 -9.00 -4.40
C SER B 21 -15.46 -9.10 -5.89
N LYS B 22 -16.49 -9.08 -6.72
CA LYS B 22 -16.29 -9.14 -8.18
C LYS B 22 -15.62 -7.84 -8.68
N TYR B 23 -14.70 -7.99 -9.64
CA TYR B 23 -14.07 -6.84 -10.26
C TYR B 23 -14.86 -6.22 -11.40
N GLU B 24 -15.68 -7.00 -12.07
CA GLU B 24 -16.30 -6.54 -13.33
C GLU B 24 -17.51 -5.63 -13.15
N THR B 25 -18.13 -5.68 -11.98
CA THR B 25 -19.40 -5.02 -11.75
C THR B 25 -19.38 -4.26 -10.44
N TRP B 26 -20.40 -3.42 -10.27
CA TRP B 26 -20.68 -2.72 -9.00
C TRP B 26 -21.99 -3.27 -8.42
N GLN B 27 -22.12 -3.16 -7.10
CA GLN B 27 -23.33 -3.49 -6.38
C GLN B 27 -23.99 -2.17 -6.00
N TYR B 28 -25.19 -1.97 -6.52
CA TYR B 28 -25.95 -0.70 -6.29
C TYR B 28 -26.94 -0.84 -5.15
N PHE B 29 -27.02 0.17 -4.30
CA PHE B 29 -27.77 0.10 -3.06
C PHE B 29 -28.68 1.32 -2.90
N SER B 30 -29.89 1.06 -2.41
CA SER B 30 -30.90 2.11 -2.10
C SER B 30 -30.99 2.35 -0.62
N PHE B 31 -30.78 3.58 -0.19
CA PHE B 31 -30.90 3.95 1.21
C PHE B 31 -32.31 3.72 1.74
N SER B 32 -33.30 4.18 0.99
CA SER B 32 -34.67 4.07 1.46
C SER B 32 -35.15 2.62 1.51
N LYS B 33 -34.77 1.81 0.53
CA LYS B 33 -35.19 0.40 0.53
C LYS B 33 -34.39 -0.44 1.50
N GLY B 34 -33.13 -0.04 1.76
CA GLY B 34 -32.22 -0.85 2.55
C GLY B 34 -31.80 -2.11 1.84
N GLU B 35 -31.73 -2.07 0.51
CA GLU B 35 -31.49 -3.23 -0.30
C GLU B 35 -30.63 -2.89 -1.47
N VAL B 36 -29.92 -3.89 -1.96
CA VAL B 36 -29.31 -3.88 -3.28
C VAL B 36 -30.43 -3.83 -4.31
N VAL B 37 -30.22 -3.02 -5.35
CA VAL B 37 -31.16 -2.88 -6.44
C VAL B 37 -30.46 -3.12 -7.76
N ASN B 38 -31.23 -3.56 -8.74
CA ASN B 38 -30.67 -3.84 -10.07
C ASN B 38 -30.60 -2.56 -10.90
N VAL B 39 -29.44 -2.29 -11.49
CA VAL B 39 -29.22 -1.06 -12.24
C VAL B 39 -28.58 -1.43 -13.58
N THR B 40 -29.19 -0.98 -14.67
CA THR B 40 -28.67 -1.25 -16.02
C THR B 40 -28.16 -0.01 -16.77
N ASP B 41 -28.39 1.19 -16.24
CA ASP B 41 -27.94 2.45 -16.86
C ASP B 41 -27.66 3.42 -15.71
N TYR B 42 -26.58 3.17 -14.98
CA TYR B 42 -26.36 3.85 -13.71
C TYR B 42 -26.31 5.35 -13.80
N LYS B 43 -25.82 5.87 -14.93
CA LYS B 43 -25.70 7.33 -15.10
C LYS B 43 -27.04 8.04 -15.33
N ASN B 44 -28.11 7.27 -15.52
CA ASN B 44 -29.42 7.83 -15.82
C ASN B 44 -30.48 7.06 -15.04
N ASP B 45 -30.26 6.94 -13.73
CA ASP B 45 -31.14 6.12 -12.89
C ASP B 45 -31.08 6.67 -11.48
N LEU B 46 -32.21 7.14 -11.00
CA LEU B 46 -32.29 7.73 -9.65
C LEU B 46 -32.69 6.75 -8.54
N ASN B 47 -32.74 5.45 -8.86
CA ASN B 47 -33.17 4.40 -7.93
CA ASN B 47 -33.17 4.44 -7.90
C ASN B 47 -32.04 3.83 -7.05
N TRP B 48 -30.82 4.33 -7.24
CA TRP B 48 -29.68 3.91 -6.40
C TRP B 48 -29.04 5.13 -5.78
N ASP B 49 -28.49 4.96 -4.57
CA ASP B 49 -27.83 6.00 -3.80
C ASP B 49 -26.33 5.80 -3.63
N MET B 50 -25.89 4.55 -3.51
CA MET B 50 -24.47 4.26 -3.27
C MET B 50 -24.16 2.96 -3.94
N ALA B 51 -22.98 2.86 -4.51
CA ALA B 51 -22.54 1.63 -5.17
C ALA B 51 -21.16 1.24 -4.70
N LEU B 52 -20.93 -0.08 -4.62
CA LEU B 52 -19.70 -0.63 -4.08
C LEU B 52 -19.06 -1.54 -5.12
N HIS B 53 -17.73 -1.47 -5.18
CA HIS B 53 -16.92 -2.34 -6.06
C HIS B 53 -15.59 -2.51 -5.38
N ARG B 54 -15.25 -3.74 -4.94
CA ARG B 54 -14.03 -3.91 -4.16
C ARG B 54 -14.02 -2.90 -3.00
N TYR B 55 -13.02 -2.02 -2.87
CA TYR B 55 -12.99 -1.03 -1.80
C TYR B 55 -13.39 0.38 -2.31
N ASP B 56 -13.90 0.43 -3.54
CA ASP B 56 -14.38 1.66 -4.17
C ASP B 56 -15.86 1.91 -3.85
N VAL B 57 -16.19 3.18 -3.70
CA VAL B 57 -17.55 3.64 -3.43
C VAL B 57 -17.92 4.77 -4.39
N ARG B 58 -19.12 4.64 -4.96
CA ARG B 58 -19.69 5.54 -5.98
C ARG B 58 -21.00 6.09 -5.47
N LEU B 59 -21.30 7.36 -5.84
CA LEU B 59 -22.52 8.03 -5.44
C LEU B 59 -23.22 8.62 -6.67
N ASN B 60 -24.50 8.93 -6.51
CA ASN B 60 -25.32 9.29 -7.65
C ASN B 60 -25.24 10.78 -7.91
N CYS B 61 -24.14 11.17 -8.55
CA CYS B 61 -23.78 12.59 -8.70
C CYS B 61 -22.52 12.68 -9.54
N GLY B 62 -22.20 13.89 -9.97
CA GLY B 62 -20.89 14.12 -10.60
C GLY B 62 -20.68 13.24 -11.81
N GLU B 63 -19.50 12.61 -11.86
CA GLU B 63 -19.17 11.74 -12.99
C GLU B 63 -19.80 10.36 -12.94
N SER B 64 -20.52 10.08 -11.88
CA SER B 64 -21.16 8.77 -11.72
C SER B 64 -22.68 8.74 -11.92
N GLY B 65 -23.33 9.89 -11.93
CA GLY B 65 -24.77 9.90 -12.11
C GLY B 65 -25.39 11.26 -12.13
N LYS B 66 -26.67 11.28 -12.44
CA LYS B 66 -27.42 12.54 -12.62
C LYS B 66 -28.16 13.01 -11.39
N GLY B 67 -28.01 12.29 -10.27
CA GLY B 67 -28.67 12.64 -9.05
C GLY B 67 -28.06 13.77 -8.28
N LYS B 68 -28.62 13.97 -7.10
CA LYS B 68 -28.30 15.04 -6.16
C LYS B 68 -27.33 14.59 -5.02
N GLY B 69 -26.57 13.54 -5.31
CA GLY B 69 -25.70 12.90 -4.37
C GLY B 69 -24.46 13.68 -4.03
N GLY B 70 -23.70 13.15 -3.06
CA GLY B 70 -22.38 13.66 -2.73
C GLY B 70 -22.05 13.31 -1.32
N ALA B 71 -20.87 13.67 -0.85
CA ALA B 71 -20.46 13.24 0.48
C ALA B 71 -19.54 14.23 1.16
N VAL B 72 -19.62 14.21 2.49
CA VAL B 72 -18.71 14.94 3.34
C VAL B 72 -18.18 14.02 4.43
N PHE B 73 -17.04 14.36 4.98
CA PHE B 73 -16.49 13.73 6.19
C PHE B 73 -16.85 14.62 7.38
N SER B 74 -17.50 14.00 8.39
CA SER B 74 -17.91 14.69 9.59
C SER B 74 -16.80 15.08 10.53
N GLY B 75 -15.63 14.46 10.38
CA GLY B 75 -14.57 14.63 11.36
C GLY B 75 -14.63 13.68 12.53
N LYS B 76 -15.66 12.85 12.58
CA LYS B 76 -15.83 11.90 13.68
C LYS B 76 -15.49 10.51 13.23
N THR B 77 -15.14 9.69 14.22
CA THR B 77 -14.95 8.25 14.01
C THR B 77 -15.92 7.38 14.85
N GLU B 78 -16.92 8.03 15.46
CA GLU B 78 -18.00 7.35 16.18
C GLU B 78 -19.30 7.89 15.65
N MET B 79 -20.18 7.03 15.22
CA MET B 79 -21.47 7.53 14.65
C MET B 79 -22.25 8.36 15.68
N ASP B 80 -22.14 7.99 16.97
CA ASP B 80 -22.91 8.66 18.01
C ASP B 80 -22.39 10.08 18.34
N GLN B 81 -21.24 10.46 17.76
CA GLN B 81 -20.67 11.81 17.91
C GLN B 81 -21.03 12.72 16.75
N ALA B 82 -21.50 12.16 15.64
CA ALA B 82 -21.78 12.94 14.41
C ALA B 82 -23.27 13.34 14.45
N THR B 83 -23.54 14.33 15.27
CA THR B 83 -24.91 14.76 15.53
C THR B 83 -25.40 16.05 14.82
N THR B 84 -24.49 16.82 14.28
N THR B 84 -24.51 16.80 14.19
CA THR B 84 -24.84 18.02 13.48
CA THR B 84 -24.90 18.01 13.49
C THR B 84 -24.63 17.62 12.04
C THR B 84 -24.60 17.84 12.00
N VAL B 85 -25.67 17.77 11.22
CA VAL B 85 -25.61 17.38 9.82
C VAL B 85 -25.37 18.60 8.93
N PRO B 86 -24.28 18.63 8.13
CA PRO B 86 -24.10 19.81 7.29
C PRO B 86 -25.17 19.93 6.24
N THR B 87 -25.43 21.15 5.80
CA THR B 87 -26.50 21.41 4.87
C THR B 87 -26.00 21.71 3.46
N ASP B 88 -24.68 21.77 3.30
CA ASP B 88 -24.07 22.22 2.06
C ASP B 88 -22.72 21.60 1.88
N GLY B 89 -22.24 21.62 0.64
CA GLY B 89 -20.86 21.22 0.34
C GLY B 89 -20.60 19.72 0.17
N TYR B 90 -21.56 19.00 -0.37
CA TYR B 90 -21.47 17.57 -0.58
C TYR B 90 -20.74 17.23 -1.88
N THR B 91 -19.45 17.02 -1.74
CA THR B 91 -18.54 16.77 -2.86
C THR B 91 -19.02 15.67 -3.73
N VAL B 92 -18.97 15.87 -5.04
CA VAL B 92 -19.48 14.94 -6.03
C VAL B 92 -18.38 14.06 -6.63
N ASP B 93 -18.82 13.00 -7.28
CA ASP B 93 -17.90 12.00 -7.82
C ASP B 93 -17.05 12.52 -8.93
N VAL B 94 -15.83 12.01 -8.98
CA VAL B 94 -14.84 12.39 -10.01
C VAL B 94 -14.37 11.12 -10.70
N LEU B 95 -13.62 11.26 -11.78
CA LEU B 95 -13.14 10.10 -12.51
C LEU B 95 -11.85 9.60 -11.85
N GLY B 96 -11.72 8.28 -11.81
CA GLY B 96 -10.51 7.65 -11.38
C GLY B 96 -10.39 6.22 -11.88
N ARG B 97 -9.27 5.59 -11.51
CA ARG B 97 -8.93 4.26 -11.94
C ARG B 97 -9.67 3.18 -11.15
N ILE B 98 -10.41 2.35 -11.88
CA ILE B 98 -11.15 1.23 -11.32
C ILE B 98 -10.64 -0.06 -11.97
N THR B 99 -10.29 -1.03 -11.13
CA THR B 99 -9.90 -2.35 -11.63
C THR B 99 -11.13 -3.13 -12.02
N VAL B 100 -11.21 -3.50 -13.30
CA VAL B 100 -12.36 -4.22 -13.83
C VAL B 100 -12.10 -5.69 -14.16
N LYS B 101 -10.84 -6.11 -14.14
CA LYS B 101 -10.54 -7.54 -14.32
C LYS B 101 -9.27 -7.81 -13.55
N TYR B 102 -9.24 -8.93 -12.84
CA TYR B 102 -8.09 -9.27 -12.03
C TYR B 102 -7.97 -10.77 -11.97
N GLU B 103 -6.88 -11.27 -12.52
CA GLU B 103 -6.55 -12.69 -12.51
C GLU B 103 -5.26 -12.84 -11.75
N MET B 104 -5.25 -13.68 -10.73
CA MET B 104 -4.08 -13.77 -9.89
C MET B 104 -3.79 -15.20 -9.50
N GLY B 105 -2.50 -15.46 -9.28
CA GLY B 105 -2.08 -16.74 -8.72
C GLY B 105 -0.74 -16.54 -8.04
N PRO B 106 -0.10 -17.63 -7.62
CA PRO B 106 1.15 -17.51 -6.87
C PRO B 106 2.31 -16.92 -7.66
N ASP B 107 2.23 -16.98 -8.99
CA ASP B 107 3.31 -16.58 -9.88
C ASP B 107 3.10 -15.26 -10.58
N GLY B 108 1.96 -14.62 -10.37
CA GLY B 108 1.70 -13.37 -11.07
C GLY B 108 0.26 -12.92 -11.05
N HIS B 109 -0.01 -11.78 -11.68
CA HIS B 109 -1.36 -11.33 -11.89
C HIS B 109 -1.45 -10.61 -13.21
N GLN B 110 -2.66 -10.55 -13.72
CA GLN B 110 -2.96 -9.68 -14.85
C GLN B 110 -4.19 -8.90 -14.51
N MET B 111 -4.17 -7.63 -14.86
CA MET B 111 -5.31 -6.80 -14.50
C MET B 111 -5.65 -5.84 -15.62
N GLU B 112 -6.89 -5.38 -15.60
CA GLU B 112 -7.35 -4.35 -16.51
C GLU B 112 -8.08 -3.33 -15.69
N TYR B 113 -8.02 -2.09 -16.17
CA TYR B 113 -8.65 -0.98 -15.49
C TYR B 113 -9.43 -0.13 -16.48
N GLU B 114 -10.36 0.65 -15.94
CA GLU B 114 -11.12 1.63 -16.68
C GLU B 114 -11.21 2.89 -15.82
N GLU B 115 -11.22 4.06 -16.47
N GLU B 115 -11.26 4.03 -16.50
CA GLU B 115 -11.51 5.32 -15.77
CA GLU B 115 -11.58 5.31 -15.85
C GLU B 115 -13.04 5.44 -15.64
C GLU B 115 -13.08 5.37 -15.65
N GLN B 116 -13.51 5.54 -14.40
CA GLN B 116 -14.93 5.62 -14.10
C GLN B 116 -15.13 6.58 -12.94
N GLY B 117 -16.39 6.97 -12.75
CA GLY B 117 -16.71 7.84 -11.61
C GLY B 117 -16.71 7.12 -10.26
N PHE B 118 -16.26 7.82 -9.24
CA PHE B 118 -16.30 7.31 -7.89
C PHE B 118 -16.20 8.47 -6.90
N SER B 119 -16.50 8.17 -5.64
CA SER B 119 -16.41 9.16 -4.59
C SER B 119 -15.05 9.11 -3.94
N GLU B 120 -14.25 10.14 -4.17
CA GLU B 120 -12.97 10.26 -3.45
C GLU B 120 -13.14 10.50 -1.97
N VAL B 121 -14.25 11.17 -1.58
CA VAL B 121 -14.48 11.44 -0.17
C VAL B 121 -14.54 10.10 0.60
N ILE B 122 -15.31 9.17 0.08
CA ILE B 122 -15.52 7.90 0.80
C ILE B 122 -14.43 6.90 0.47
N THR B 123 -14.06 6.82 -0.81
CA THR B 123 -13.07 5.81 -1.24
C THR B 123 -11.69 6.15 -0.72
N GLY B 124 -11.43 7.45 -0.67
CA GLY B 124 -10.09 8.02 -0.58
C GLY B 124 -9.58 8.43 -1.95
N LYS B 125 -8.52 9.25 -1.92
CA LYS B 125 -7.84 9.65 -3.15
CA LYS B 125 -7.82 9.67 -3.15
C LYS B 125 -6.87 8.56 -3.56
N LYS B 126 -6.80 8.27 -4.85
CA LYS B 126 -6.00 7.20 -5.38
C LYS B 126 -4.65 7.67 -5.89
N ASN B 127 -3.66 6.82 -5.68
CA ASN B 127 -2.38 6.99 -6.36
C ASN B 127 -2.46 6.43 -7.80
N ALA B 128 -1.33 6.44 -8.54
CA ALA B 128 -1.35 6.04 -9.96
C ALA B 128 -1.84 4.59 -10.23
N GLN B 129 -1.67 3.74 -9.22
CA GLN B 129 -2.06 2.34 -9.27
C GLN B 129 -3.41 2.06 -8.61
N GLY B 130 -4.12 3.10 -8.21
CA GLY B 130 -5.49 2.97 -7.70
C GLY B 130 -5.66 2.71 -6.20
N PHE B 131 -4.56 2.63 -5.45
CA PHE B 131 -4.65 2.46 -4.01
C PHE B 131 -5.01 3.80 -3.40
N ALA B 132 -5.82 3.78 -2.35
CA ALA B 132 -6.51 4.99 -1.88
C ALA B 132 -6.14 5.32 -0.44
N SER B 133 -6.29 6.59 -0.11
CA SER B 133 -6.10 7.10 1.25
C SER B 133 -7.02 8.28 1.53
N GLY B 134 -7.51 8.34 2.78
CA GLY B 134 -8.32 9.43 3.28
C GLY B 134 -9.80 9.14 3.42
N GLY B 135 -10.21 7.94 3.01
CA GLY B 135 -11.60 7.52 3.05
C GLY B 135 -11.86 6.49 4.12
N TRP B 136 -12.54 5.43 3.74
CA TRP B 136 -13.00 4.45 4.73
C TRP B 136 -12.00 3.37 5.13
N LEU B 137 -10.96 3.19 4.30
CA LEU B 137 -10.04 2.05 4.44
C LEU B 137 -8.62 2.57 4.16
N GLU B 138 -7.67 2.23 5.04
CA GLU B 138 -6.29 2.73 4.97
C GLU B 138 -5.28 1.61 5.12
N PHE B 139 -4.11 1.79 4.51
CA PHE B 139 -2.96 0.95 4.82
C PHE B 139 -2.57 1.21 6.30
N SER B 140 -2.20 0.15 7.00
CA SER B 140 -1.71 0.20 8.37
C SER B 140 -0.41 -0.59 8.50
N HIS B 141 0.50 -0.15 9.34
CA HIS B 141 1.83 -0.73 9.41
C HIS B 141 2.11 -1.29 10.78
N GLY B 142 2.68 -2.48 10.77
CA GLY B 142 3.14 -3.12 11.99
C GLY B 142 4.12 -4.21 11.65
N PRO B 143 4.80 -4.77 12.67
CA PRO B 143 5.87 -5.76 12.45
C PRO B 143 5.44 -7.03 11.74
N ALA B 144 4.17 -7.42 11.80
CA ALA B 144 3.74 -8.61 11.04
C ALA B 144 3.50 -8.40 9.53
N GLY B 145 3.60 -7.16 9.06
CA GLY B 145 3.38 -6.80 7.65
C GLY B 145 2.22 -5.80 7.60
N PRO B 146 2.06 -5.10 6.47
CA PRO B 146 1.00 -4.12 6.35
C PRO B 146 -0.35 -4.81 6.26
N THR B 147 -1.34 -4.13 6.79
CA THR B 147 -2.74 -4.60 6.76
C THR B 147 -3.59 -3.43 6.31
N TYR B 148 -4.86 -3.69 6.03
CA TYR B 148 -5.84 -2.65 5.88
C TYR B 148 -6.46 -2.41 7.26
N LYS B 149 -6.71 -1.14 7.58
CA LYS B 149 -7.37 -0.73 8.80
C LYS B 149 -8.60 0.06 8.38
N LEU B 150 -9.67 -0.16 9.14
CA LEU B 150 -10.84 0.64 8.98
C LEU B 150 -10.52 1.99 9.58
N SER B 151 -10.72 3.06 8.81
CA SER B 151 -10.49 4.40 9.36
C SER B 151 -11.59 4.79 10.38
N LYS B 152 -12.75 4.16 10.22
CA LYS B 152 -13.95 4.47 10.99
CA LYS B 152 -13.96 4.46 10.98
C LYS B 152 -14.49 5.87 10.76
N ARG B 153 -14.01 6.53 9.70
CA ARG B 153 -14.51 7.87 9.42
C ARG B 153 -16.03 7.81 9.19
N VAL B 154 -16.71 8.77 9.79
CA VAL B 154 -18.16 8.86 9.67
C VAL B 154 -18.47 9.92 8.58
N PHE B 155 -19.20 9.49 7.55
CA PHE B 155 -19.58 10.34 6.43
C PHE B 155 -21.03 10.74 6.51
N PHE B 156 -21.35 11.91 5.96
CA PHE B 156 -22.74 12.23 5.60
C PHE B 156 -22.82 12.16 4.09
N VAL B 157 -23.84 11.51 3.58
CA VAL B 157 -23.90 11.10 2.18
C VAL B 157 -25.29 11.42 1.64
N ARG B 158 -25.40 12.33 0.68
CA ARG B 158 -26.66 12.56 -0.01
C ARG B 158 -26.89 11.44 -0.98
N GLY B 159 -28.12 10.88 -0.94
CA GLY B 159 -28.60 10.00 -1.96
C GLY B 159 -29.04 10.73 -3.22
N ALA B 160 -29.60 9.96 -4.13
CA ALA B 160 -29.99 10.47 -5.45
C ALA B 160 -30.99 11.61 -5.37
N ASP B 161 -31.88 11.53 -4.38
CA ASP B 161 -32.90 12.59 -4.17
C ASP B 161 -32.46 13.68 -3.20
N GLY B 162 -31.20 13.62 -2.75
CA GLY B 162 -30.64 14.60 -1.84
C GLY B 162 -30.74 14.34 -0.37
N ASN B 163 -31.64 13.43 0.05
CA ASN B 163 -31.74 13.12 1.46
C ASN B 163 -30.47 12.44 1.95
N ILE B 164 -30.12 12.76 3.17
CA ILE B 164 -28.81 12.43 3.71
C ILE B 164 -28.80 11.17 4.60
N ALA B 165 -27.83 10.32 4.39
CA ALA B 165 -27.47 9.23 5.29
C ALA B 165 -26.20 9.51 6.06
N LYS B 166 -26.16 9.10 7.32
CA LYS B 166 -24.95 9.02 8.07
C LYS B 166 -24.39 7.63 7.88
N VAL B 167 -23.14 7.51 7.41
CA VAL B 167 -22.59 6.20 6.99
C VAL B 167 -21.23 5.96 7.62
N GLN B 168 -21.03 4.76 8.17
CA GLN B 168 -19.71 4.31 8.64
C GLN B 168 -19.44 2.89 8.15
N PHE B 169 -18.30 2.69 7.48
CA PHE B 169 -17.86 1.37 7.05
C PHE B 169 -17.09 0.70 8.14
N THR B 170 -17.40 -0.57 8.38
CA THR B 170 -16.83 -1.26 9.50
C THR B 170 -16.13 -2.57 9.18
N ASP B 171 -16.25 -3.11 7.95
CA ASP B 171 -15.43 -4.24 7.59
C ASP B 171 -15.29 -4.28 6.09
N TYR B 172 -14.19 -4.91 5.66
CA TYR B 172 -13.81 -5.06 4.25
C TYR B 172 -13.67 -6.51 3.80
N GLN B 173 -13.87 -7.46 4.72
CA GLN B 173 -13.76 -8.86 4.41
C GLN B 173 -14.77 -9.62 5.27
N ASP B 174 -15.10 -10.85 4.88
CA ASP B 174 -16.04 -11.66 5.66
C ASP B 174 -15.25 -12.45 6.71
N ALA B 175 -15.93 -13.31 7.44
CA ALA B 175 -15.30 -14.05 8.54
C ALA B 175 -14.21 -15.01 8.10
N GLU B 176 -14.29 -15.47 6.85
CA GLU B 176 -13.28 -16.34 6.23
C GLU B 176 -12.17 -15.56 5.55
N LEU B 177 -12.19 -14.24 5.72
CA LEU B 177 -11.22 -13.32 5.15
C LEU B 177 -11.33 -13.19 3.64
N LYS B 178 -12.50 -13.46 3.07
CA LYS B 178 -12.78 -13.14 1.69
C LYS B 178 -12.89 -11.63 1.54
N LYS B 179 -12.02 -11.07 0.73
CA LYS B 179 -11.86 -9.63 0.58
C LYS B 179 -12.95 -9.06 -0.31
N GLY B 180 -13.34 -7.80 -0.03
CA GLY B 180 -14.32 -7.13 -0.85
C GLY B 180 -15.76 -7.43 -0.42
N VAL B 181 -15.94 -8.08 0.72
CA VAL B 181 -17.25 -8.22 1.34
C VAL B 181 -17.35 -7.10 2.37
N ILE B 182 -18.23 -6.16 2.09
CA ILE B 182 -18.21 -4.87 2.74
C ILE B 182 -19.36 -4.76 3.74
N THR B 183 -19.05 -4.32 4.96
CA THR B 183 -20.07 -4.07 5.96
C THR B 183 -20.06 -2.59 6.34
N PHE B 184 -21.26 -2.01 6.43
CA PHE B 184 -21.42 -0.66 6.89
C PHE B 184 -22.72 -0.53 7.64
N THR B 185 -22.79 0.47 8.49
CA THR B 185 -24.04 0.88 9.15
C THR B 185 -24.39 2.26 8.63
N TYR B 186 -25.67 2.48 8.40
CA TYR B 186 -26.12 3.81 8.00
C TYR B 186 -27.42 4.15 8.72
N THR B 187 -27.59 5.44 8.93
CA THR B 187 -28.79 6.02 9.53
C THR B 187 -29.36 7.02 8.53
N TYR B 188 -30.63 6.87 8.21
CA TYR B 188 -31.21 7.59 7.08
C TYR B 188 -32.70 7.74 7.22
N PRO B 189 -33.30 8.87 6.85
CA PRO B 189 -32.64 10.13 6.53
C PRO B 189 -32.33 10.91 7.80
N VAL B 190 -31.25 11.70 7.76
CA VAL B 190 -30.87 12.58 8.85
C VAL B 190 -30.80 14.05 8.37
N LYS B 191 -30.99 14.98 9.29
CA LYS B 191 -30.91 16.41 9.01
C LYS B 191 -30.62 17.09 10.35
#